data_1W8F
#
_entry.id   1W8F
#
_cell.length_a   47.015
_cell.length_b   48.352
_cell.length_c   52.472
_cell.angle_alpha   85.35
_cell.angle_beta   80.05
_cell.angle_gamma   65.60
#
_symmetry.space_group_name_H-M   'P 1'
#
loop_
_entity.id
_entity.type
_entity.pdbx_description
1 polymer 'PSEUDOMONAS AERUGINOSA LECTIN II'
2 branched 2-acetamido-2-deoxy-beta-D-glucopyranose-(1-3)-beta-D-galactopyranose-(1-4)-[alpha-L-fucopyranose-(1-3)]beta-D-glucopyranose
3 branched beta-D-galactopyranose-(1-4)-2-acetamido-2-deoxy-beta-D-glucopyranose-(1-3)-beta-D-galactopyranose-(1-4)-[alpha-L-fucopyranose-(1-3)]beta-D-glucopyranose
4 branched alpha-L-fucopyranose-(1-3)-[beta-D-galactopyranose-(1-4)]beta-D-glucopyranose
5 non-polymer 'SULFATE ION'
6 non-polymer 'CALCIUM ION'
7 non-polymer GLYCEROL
8 water water
#
_entity_poly.entity_id   1
_entity_poly.type   'polypeptide(L)'
_entity_poly.pdbx_seq_one_letter_code
;MATQGVFTLPANTRFGVTAFANSSGTQTVNVLVNNETAATFSGQSTNNAVIGTQVLNSGSSGKVQVQVSVNGRPSDLVSA
QVILTNELNFALVGSEDGTDNDYNDAVVVINWPLG
;
_entity_poly.pdbx_strand_id   A,B,C,D
#
loop_
_chem_comp.id
_chem_comp.type
_chem_comp.name
_chem_comp.formula
BGC D-saccharide, beta linking beta-D-glucopyranose 'C6 H12 O6'
CA non-polymer 'CALCIUM ION' 'Ca 2'
FUC L-saccharide, alpha linking alpha-L-fucopyranose 'C6 H12 O5'
GAL D-saccharide, beta linking beta-D-galactopyranose 'C6 H12 O6'
GOL non-polymer GLYCEROL 'C3 H8 O3'
NAG D-saccharide, beta linking 2-acetamido-2-deoxy-beta-D-glucopyranose 'C8 H15 N O6'
SO4 non-polymer 'SULFATE ION' 'O4 S -2'
#
# COMPACT_ATOMS: atom_id res chain seq x y z
N ALA A 2 -5.48 -16.20 4.52
CA ALA A 2 -5.98 -15.26 5.58
C ALA A 2 -7.34 -14.74 5.18
N THR A 3 -8.09 -14.29 6.16
CA THR A 3 -9.30 -13.57 5.86
C THR A 3 -8.96 -12.34 5.02
N GLN A 4 -9.80 -12.05 4.06
CA GLN A 4 -9.66 -10.90 3.20
C GLN A 4 -11.00 -10.20 3.07
N GLY A 5 -10.94 -8.91 2.75
CA GLY A 5 -12.13 -8.11 2.55
C GLY A 5 -12.80 -7.62 3.79
N VAL A 6 -12.13 -7.69 4.95
CA VAL A 6 -12.67 -7.20 6.21
C VAL A 6 -11.80 -6.05 6.67
N PHE A 7 -12.43 -4.96 7.07
CA PHE A 7 -11.70 -3.76 7.47
C PHE A 7 -12.33 -3.19 8.71
N THR A 8 -11.51 -2.65 9.60
CA THR A 8 -12.02 -1.88 10.74
C THR A 8 -11.80 -0.42 10.47
N LEU A 9 -12.88 0.30 10.32
CA LEU A 9 -12.87 1.73 10.11
C LEU A 9 -13.02 2.41 11.47
N PRO A 10 -12.71 3.70 11.56
CA PRO A 10 -13.09 4.48 12.74
C PRO A 10 -14.57 4.42 12.93
N ALA A 11 -15.02 4.49 14.13
CA ALA A 11 -16.45 4.46 14.39
C ALA A 11 -17.16 5.66 13.87
N ASN A 12 -18.44 5.49 13.52
CA ASN A 12 -19.37 6.59 13.22
C ASN A 12 -18.86 7.49 12.14
N THR A 13 -18.21 6.92 11.12
CA THR A 13 -17.54 7.68 10.10
C THR A 13 -18.14 7.36 8.73
N ARG A 14 -18.44 8.38 7.93
CA ARG A 14 -18.89 8.13 6.55
C ARG A 14 -17.73 7.67 5.70
N PHE A 15 -18.00 6.74 4.79
CA PHE A 15 -17.05 6.26 3.85
C PHE A 15 -17.69 6.02 2.52
N GLY A 16 -16.89 6.04 1.47
CA GLY A 16 -17.36 5.69 0.15
C GLY A 16 -17.01 4.29 -0.17
N VAL A 17 -17.88 3.62 -0.92
CA VAL A 17 -17.60 2.29 -1.45
C VAL A 17 -18.00 2.28 -2.90
N THR A 18 -17.11 1.81 -3.76
CA THR A 18 -17.26 1.81 -5.19
C THR A 18 -16.77 0.50 -5.78
N ALA A 19 -17.51 -0.05 -6.74
CA ALA A 19 -17.14 -1.31 -7.37
C ALA A 19 -17.04 -1.16 -8.86
N PHE A 20 -16.06 -1.89 -9.39
CA PHE A 20 -15.70 -1.94 -10.80
C PHE A 20 -15.77 -3.40 -11.29
N ALA A 21 -16.17 -3.60 -12.52
CA ALA A 21 -16.27 -4.96 -13.07
C ALA A 21 -15.36 -5.15 -14.27
N ASN A 22 -14.71 -6.33 -14.31
CA ASN A 22 -13.85 -6.71 -15.39
C ASN A 22 -13.91 -8.24 -15.63
N SER A 23 -15.00 -8.70 -16.17
CA SER A 23 -15.27 -10.12 -16.32
C SER A 23 -16.45 -10.31 -17.26
N SER A 24 -16.50 -11.46 -17.94
CA SER A 24 -17.72 -11.82 -18.66
C SER A 24 -18.86 -12.19 -17.75
N GLY A 25 -18.58 -12.54 -16.52
CA GLY A 25 -19.59 -12.94 -15.57
C GLY A 25 -20.19 -11.72 -14.86
N THR A 26 -21.49 -11.76 -14.56
CA THR A 26 -22.12 -10.70 -13.80
C THR A 26 -21.64 -10.79 -12.37
N GLN A 27 -21.11 -9.68 -11.88
CA GLN A 27 -20.62 -9.58 -10.55
C GLN A 27 -21.73 -9.14 -9.60
N THR A 28 -21.74 -9.66 -8.38
CA THR A 28 -22.58 -9.18 -7.29
C THR A 28 -21.69 -8.90 -6.11
N VAL A 29 -21.67 -7.65 -5.66
CA VAL A 29 -20.84 -7.20 -4.57
C VAL A 29 -21.72 -6.84 -3.42
N ASN A 30 -21.48 -7.47 -2.29
N ASN A 30 -21.48 -7.46 -2.30
CA ASN A 30 -22.19 -7.19 -1.05
CA ASN A 30 -22.21 -7.18 -1.10
C ASN A 30 -21.25 -6.45 -0.10
C ASN A 30 -21.31 -6.52 -0.06
N VAL A 31 -21.76 -5.39 0.50
CA VAL A 31 -21.02 -4.65 1.50
C VAL A 31 -21.77 -4.75 2.79
N LEU A 32 -21.16 -5.33 3.81
CA LEU A 32 -21.72 -5.49 5.11
C LEU A 32 -21.12 -4.48 6.07
N VAL A 33 -21.95 -3.86 6.88
CA VAL A 33 -21.50 -2.99 7.95
C VAL A 33 -22.02 -3.57 9.22
N ASN A 34 -21.08 -3.88 10.11
N ASN A 34 -21.22 -3.75 10.22
CA ASN A 34 -21.31 -4.53 11.40
CA ASN A 34 -21.75 -4.33 11.45
C ASN A 34 -22.17 -5.68 11.15
C ASN A 34 -22.30 -5.64 11.09
N ASN A 35 -21.83 -6.48 10.23
CA ASN A 35 -22.32 -7.80 9.93
C ASN A 35 -23.68 -7.85 9.28
N GLU A 36 -24.22 -6.75 8.83
N GLU A 36 -24.20 -6.72 8.83
CA GLU A 36 -25.45 -6.77 8.10
CA GLU A 36 -25.49 -6.57 8.18
C GLU A 36 -25.25 -6.02 6.74
C GLU A 36 -25.26 -5.96 6.74
N THR A 37 -25.92 -6.54 5.71
CA THR A 37 -25.81 -5.96 4.37
C THR A 37 -26.30 -4.53 4.40
N ALA A 38 -25.45 -3.66 3.87
CA ALA A 38 -25.69 -2.25 3.78
C ALA A 38 -25.76 -1.77 2.35
N ALA A 39 -25.15 -2.43 1.39
CA ALA A 39 -25.21 -2.07 0.00
C ALA A 39 -24.97 -3.31 -0.81
N THR A 40 -25.53 -3.34 -2.00
CA THR A 40 -25.31 -4.40 -2.96
C THR A 40 -25.22 -3.79 -4.33
N PHE A 41 -24.21 -4.17 -5.08
CA PHE A 41 -23.98 -3.67 -6.43
C PHE A 41 -23.89 -4.85 -7.39
N SER A 42 -24.27 -4.64 -8.62
CA SER A 42 -24.17 -5.69 -9.61
C SER A 42 -24.02 -5.10 -10.99
N GLY A 43 -23.33 -5.82 -11.87
CA GLY A 43 -23.21 -5.45 -13.27
C GLY A 43 -22.28 -6.36 -14.00
N GLN A 44 -22.06 -6.10 -15.28
CA GLN A 44 -21.26 -6.96 -16.12
C GLN A 44 -20.52 -6.10 -17.13
N SER A 45 -19.22 -6.05 -17.03
CA SER A 45 -18.38 -5.29 -17.92
C SER A 45 -17.02 -5.94 -18.00
N THR A 46 -16.40 -5.84 -19.16
CA THR A 46 -14.97 -6.13 -19.33
C THR A 46 -14.16 -4.88 -19.58
N ASN A 47 -14.68 -3.73 -19.11
CA ASN A 47 -14.04 -2.45 -19.34
C ASN A 47 -14.22 -1.54 -18.12
N ASN A 48 -14.19 -2.12 -16.92
CA ASN A 48 -14.04 -1.36 -15.70
C ASN A 48 -15.26 -0.51 -15.35
N ALA A 49 -16.45 -0.90 -15.75
CA ALA A 49 -17.62 -0.10 -15.42
C ALA A 49 -17.77 0.01 -13.90
N VAL A 50 -18.21 1.18 -13.47
CA VAL A 50 -18.49 1.50 -12.09
C VAL A 50 -19.92 1.07 -11.78
N ILE A 51 -20.03 -0.19 -11.43
CA ILE A 51 -21.33 -0.85 -11.25
C ILE A 51 -22.09 -0.34 -10.03
N GLY A 52 -21.41 0.29 -9.08
CA GLY A 52 -22.06 0.94 -8.00
C GLY A 52 -21.13 1.81 -7.24
N THR A 53 -21.70 2.80 -6.58
CA THR A 53 -20.97 3.66 -5.68
C THR A 53 -21.95 4.17 -4.66
N GLN A 54 -21.55 4.26 -3.38
CA GLN A 54 -22.45 4.64 -2.33
C GLN A 54 -21.70 5.19 -1.17
N VAL A 55 -22.32 6.04 -0.39
CA VAL A 55 -21.79 6.55 0.87
C VAL A 55 -22.53 5.83 2.00
N LEU A 56 -21.77 5.27 2.92
CA LEU A 56 -22.26 4.55 4.07
C LEU A 56 -21.64 5.08 5.33
N ASN A 57 -22.18 4.71 6.47
CA ASN A 57 -21.65 5.04 7.79
C ASN A 57 -21.10 3.81 8.47
N SER A 58 -19.91 3.86 9.02
CA SER A 58 -19.29 2.71 9.63
C SER A 58 -19.93 2.26 10.94
N GLY A 59 -20.77 3.06 11.55
CA GLY A 59 -21.49 2.65 12.72
C GLY A 59 -20.59 2.52 13.87
N SER A 60 -21.14 1.92 14.87
N SER A 60 -21.10 1.92 14.91
CA SER A 60 -20.52 1.89 16.14
CA SER A 60 -20.35 1.91 16.16
C SER A 60 -19.21 1.13 16.24
C SER A 60 -19.15 1.00 16.24
N SER A 61 -19.16 -0.07 15.69
N SER A 61 -19.21 -0.15 15.58
CA SER A 61 -17.96 -0.92 15.79
CA SER A 61 -18.06 -1.04 15.65
C SER A 61 -17.07 -0.80 14.58
C SER A 61 -17.04 -0.70 14.59
N GLY A 62 -17.46 -0.05 13.50
CA GLY A 62 -16.61 0.23 12.36
C GLY A 62 -16.27 -0.96 11.47
N LYS A 63 -16.97 -2.09 11.61
CA LYS A 63 -16.63 -3.26 10.81
C LYS A 63 -17.24 -3.19 9.46
N VAL A 64 -16.44 -3.30 8.42
CA VAL A 64 -16.92 -3.32 7.06
C VAL A 64 -16.37 -4.55 6.38
N GLN A 65 -17.23 -5.29 5.69
CA GLN A 65 -16.82 -6.49 4.97
C GLN A 65 -17.36 -6.45 3.56
N VAL A 66 -16.53 -6.83 2.60
CA VAL A 66 -16.90 -6.95 1.22
C VAL A 66 -16.89 -8.42 0.82
N GLN A 67 -17.96 -8.86 0.16
CA GLN A 67 -18.05 -10.17 -0.43
C GLN A 67 -18.45 -10.07 -1.88
N VAL A 68 -18.00 -10.96 -2.71
CA VAL A 68 -18.27 -10.95 -4.15
C VAL A 68 -18.72 -12.33 -4.57
N SER A 69 -19.76 -12.40 -5.38
CA SER A 69 -20.19 -13.64 -5.99
C SER A 69 -20.53 -13.46 -7.42
N VAL A 70 -20.42 -14.59 -8.15
CA VAL A 70 -20.71 -14.64 -9.56
C VAL A 70 -21.48 -15.93 -9.77
N ASN A 71 -22.64 -15.79 -10.33
CA ASN A 71 -23.59 -16.90 -10.53
C ASN A 71 -23.71 -17.76 -9.22
N GLY A 72 -23.87 -17.08 -8.08
CA GLY A 72 -24.05 -17.73 -6.78
C GLY A 72 -22.77 -18.27 -6.15
N ARG A 73 -21.64 -18.17 -6.81
CA ARG A 73 -20.39 -18.76 -6.34
C ARG A 73 -19.51 -17.67 -5.75
N PRO A 74 -19.10 -17.80 -4.49
N PRO A 74 -18.99 -17.86 -4.54
CA PRO A 74 -18.15 -16.81 -3.96
CA PRO A 74 -18.18 -16.79 -3.94
C PRO A 74 -16.90 -16.71 -4.79
C PRO A 74 -16.83 -16.69 -4.57
N SER A 75 -16.43 -15.50 -5.01
CA SER A 75 -15.14 -15.28 -5.60
C SER A 75 -14.05 -15.28 -4.55
N ASP A 76 -12.84 -15.62 -4.95
CA ASP A 76 -11.67 -15.54 -4.04
C ASP A 76 -11.24 -14.07 -3.95
N LEU A 77 -10.96 -13.62 -2.75
CA LEU A 77 -10.68 -12.21 -2.51
C LEU A 77 -9.22 -11.98 -2.14
N VAL A 78 -8.72 -10.80 -2.50
N VAL A 78 -8.77 -10.77 -2.43
CA VAL A 78 -7.47 -10.25 -2.00
CA VAL A 78 -7.50 -10.28 -1.95
C VAL A 78 -7.79 -8.88 -1.49
C VAL A 78 -7.74 -8.85 -1.52
N SER A 79 -7.05 -8.35 -0.49
CA SER A 79 -7.33 -7.04 0.04
C SER A 79 -6.15 -6.48 0.78
N ALA A 80 -6.21 -5.18 1.01
CA ALA A 80 -5.26 -4.47 1.88
C ALA A 80 -5.83 -3.09 2.17
N GLN A 81 -5.28 -2.43 3.20
CA GLN A 81 -5.58 -1.03 3.47
C GLN A 81 -4.29 -0.23 3.37
N VAL A 82 -4.36 0.95 2.79
N VAL A 82 -4.39 0.95 2.78
CA VAL A 82 -3.21 1.83 2.75
CA VAL A 82 -3.28 1.87 2.59
C VAL A 82 -3.64 3.21 3.17
C VAL A 82 -3.68 3.20 3.22
N ILE A 83 -2.75 3.87 3.89
CA ILE A 83 -2.99 5.18 4.49
C ILE A 83 -1.91 6.12 4.01
N LEU A 84 -2.32 7.24 3.45
CA LEU A 84 -1.40 8.27 2.94
C LEU A 84 -1.46 9.48 3.85
N THR A 85 -0.27 10.04 4.08
CA THR A 85 -0.05 11.20 4.96
C THR A 85 -0.78 11.10 6.28
N ASN A 86 -0.92 9.87 6.83
CA ASN A 86 -1.53 9.62 8.07
C ASN A 86 -2.94 10.15 8.16
N GLU A 87 -3.64 10.28 7.02
CA GLU A 87 -4.95 10.94 6.90
C GLU A 87 -5.92 10.21 6.02
N LEU A 88 -5.47 9.87 4.83
CA LEU A 88 -6.30 9.45 3.73
C LEU A 88 -6.24 7.92 3.65
N ASN A 89 -7.38 7.27 3.75
CA ASN A 89 -7.47 5.81 3.84
C ASN A 89 -8.14 5.20 2.64
N PHE A 90 -7.54 4.12 2.14
CA PHE A 90 -8.11 3.29 1.11
C PHE A 90 -8.14 1.89 1.61
N ALA A 91 -9.28 1.22 1.49
CA ALA A 91 -9.41 -0.20 1.68
C ALA A 91 -9.74 -0.80 0.31
N LEU A 92 -8.94 -1.76 -0.12
CA LEU A 92 -8.88 -2.22 -1.49
C LEU A 92 -9.23 -3.70 -1.51
N VAL A 93 -10.06 -4.11 -2.48
CA VAL A 93 -10.40 -5.49 -2.68
C VAL A 93 -10.34 -5.83 -4.14
N GLY A 94 -9.72 -6.97 -4.44
CA GLY A 94 -9.83 -7.62 -5.74
C GLY A 94 -10.47 -8.97 -5.60
N SER A 95 -10.94 -9.52 -6.67
CA SER A 95 -11.65 -10.80 -6.64
C SER A 95 -11.46 -11.54 -7.93
N GLU A 96 -11.49 -12.88 -7.80
CA GLU A 96 -11.27 -13.77 -8.94
C GLU A 96 -12.41 -14.75 -9.02
N ASP A 97 -13.05 -14.80 -10.19
CA ASP A 97 -14.19 -15.67 -10.49
C ASP A 97 -13.85 -16.83 -11.41
N GLY A 98 -12.63 -16.93 -11.86
CA GLY A 98 -12.25 -17.80 -12.94
C GLY A 98 -10.90 -18.41 -12.73
N THR A 99 -10.18 -18.57 -13.83
CA THR A 99 -8.94 -19.34 -13.86
C THR A 99 -7.68 -18.55 -14.19
N ASP A 100 -7.80 -17.28 -14.55
CA ASP A 100 -6.66 -16.54 -15.03
C ASP A 100 -5.92 -15.75 -13.93
N ASN A 101 -6.49 -15.66 -12.75
CA ASN A 101 -5.85 -14.99 -11.64
C ASN A 101 -5.46 -13.59 -11.94
N ASP A 102 -6.32 -12.86 -12.67
CA ASP A 102 -6.16 -11.43 -12.78
C ASP A 102 -6.71 -10.64 -11.60
N TYR A 103 -7.61 -11.25 -10.80
CA TYR A 103 -8.13 -10.67 -9.57
C TYR A 103 -8.78 -9.30 -9.74
N ASN A 104 -9.25 -9.03 -10.95
CA ASN A 104 -9.90 -7.76 -11.27
C ASN A 104 -11.37 -7.91 -11.55
N ASP A 105 -11.91 -9.11 -11.32
CA ASP A 105 -13.23 -9.40 -11.90
C ASP A 105 -14.33 -8.54 -11.28
N ALA A 106 -14.20 -8.34 -9.98
CA ALA A 106 -14.79 -7.21 -9.30
C ALA A 106 -13.70 -6.60 -8.45
N VAL A 107 -13.54 -5.29 -8.55
CA VAL A 107 -12.59 -4.52 -7.79
C VAL A 107 -13.41 -3.58 -6.90
N VAL A 108 -13.09 -3.46 -5.61
CA VAL A 108 -13.83 -2.61 -4.72
C VAL A 108 -12.86 -1.67 -4.04
N VAL A 109 -13.20 -0.39 -4.03
CA VAL A 109 -12.43 0.59 -3.33
C VAL A 109 -13.28 1.28 -2.29
N ILE A 110 -12.82 1.31 -1.06
CA ILE A 110 -13.44 2.00 0.05
C ILE A 110 -12.51 3.17 0.40
N ASN A 111 -13.07 4.36 0.59
CA ASN A 111 -12.25 5.49 0.92
C ASN A 111 -12.87 6.30 2.06
N TRP A 112 -12.02 6.82 2.92
CA TRP A 112 -12.44 7.73 3.96
C TRP A 112 -11.27 8.59 4.34
N PRO A 113 -11.48 9.74 4.98
CA PRO A 113 -12.78 10.39 5.25
C PRO A 113 -13.34 11.05 4.03
N LEU A 114 -14.61 11.41 4.14
CA LEU A 114 -15.35 12.17 3.14
C LEU A 114 -15.50 13.61 3.55
N GLY A 115 -16.02 14.44 2.65
CA GLY A 115 -16.38 15.81 2.96
C GLY A 115 -15.29 16.86 2.77
N ALA B 2 -5.77 -16.70 -2.83
CA ALA B 2 -4.83 -16.19 -3.82
C ALA B 2 -3.42 -16.51 -3.37
N THR B 3 -2.54 -16.64 -4.32
CA THR B 3 -1.14 -16.80 -4.06
C THR B 3 -0.61 -15.58 -3.31
N GLN B 4 0.23 -15.82 -2.33
CA GLN B 4 0.86 -14.78 -1.56
C GLN B 4 2.34 -15.06 -1.45
N GLY B 5 3.12 -14.01 -1.22
CA GLY B 5 4.54 -14.14 -1.07
C GLY B 5 5.31 -14.26 -2.35
N VAL B 6 4.71 -14.01 -3.51
CA VAL B 6 5.36 -14.08 -4.79
C VAL B 6 5.39 -12.68 -5.37
N PHE B 7 6.56 -12.27 -5.85
CA PHE B 7 6.76 -10.92 -6.34
C PHE B 7 7.60 -10.96 -7.62
N THR B 8 7.23 -10.11 -8.56
CA THR B 8 8.05 -9.91 -9.76
C THR B 8 8.88 -8.64 -9.57
N LEU B 9 10.19 -8.80 -9.46
CA LEU B 9 11.10 -7.67 -9.37
C LEU B 9 11.62 -7.36 -10.76
N PRO B 10 12.15 -6.18 -11.01
N PRO B 10 12.17 -6.19 -11.00
CA PRO B 10 12.90 -5.93 -12.21
CA PRO B 10 12.94 -5.92 -12.18
C PRO B 10 14.08 -6.88 -12.25
C PRO B 10 14.05 -6.95 -12.23
N ALA B 11 14.43 -7.33 -13.44
CA ALA B 11 15.56 -8.26 -13.60
C ALA B 11 16.85 -7.66 -13.17
N ASN B 12 17.73 -8.55 -12.72
CA ASN B 12 19.14 -8.18 -12.40
C ASN B 12 19.25 -7.02 -11.46
N THR B 13 18.41 -7.04 -10.46
CA THR B 13 18.35 -5.98 -9.50
C THR B 13 18.66 -6.54 -8.10
N ARG B 14 19.60 -5.93 -7.41
CA ARG B 14 19.85 -6.28 -6.03
C ARG B 14 18.68 -5.85 -5.16
N PHE B 15 18.34 -6.70 -4.20
CA PHE B 15 17.34 -6.39 -3.24
C PHE B 15 17.72 -6.87 -1.90
N GLY B 16 17.19 -6.24 -0.86
CA GLY B 16 17.37 -6.68 0.50
C GLY B 16 16.25 -7.54 0.95
N VAL B 17 16.54 -8.51 1.78
CA VAL B 17 15.50 -9.30 2.45
C VAL B 17 15.85 -9.40 3.92
N THR B 18 14.91 -9.09 4.79
CA THR B 18 15.07 -9.08 6.21
C THR B 18 13.88 -9.79 6.85
N ALA B 19 14.13 -10.65 7.83
CA ALA B 19 13.05 -11.41 8.47
C ALA B 19 13.11 -11.18 9.98
N PHE B 20 11.93 -11.05 10.57
CA PHE B 20 11.72 -10.84 11.98
C PHE B 20 10.83 -11.95 12.51
N ALA B 21 10.97 -12.29 13.78
CA ALA B 21 10.15 -13.34 14.39
C ALA B 21 9.37 -12.81 15.60
N ASN B 22 8.13 -13.29 15.72
CA ASN B 22 7.27 -12.97 16.84
C ASN B 22 6.37 -14.19 17.16
N SER B 23 6.97 -15.24 17.73
CA SER B 23 6.25 -16.48 17.97
C SER B 23 7.10 -17.35 18.89
N SER B 24 6.44 -18.26 19.60
CA SER B 24 7.18 -19.27 20.34
C SER B 24 7.84 -20.29 19.44
N GLY B 25 7.39 -20.44 18.20
CA GLY B 25 7.94 -21.42 17.31
C GLY B 25 9.11 -20.91 16.54
N THR B 26 10.03 -21.81 16.25
CA THR B 26 11.16 -21.48 15.37
C THR B 26 10.67 -21.30 13.95
N GLN B 27 10.97 -20.13 13.38
CA GLN B 27 10.55 -19.78 12.05
C GLN B 27 11.60 -20.18 11.05
N THR B 28 11.21 -20.81 9.94
CA THR B 28 12.09 -21.11 8.82
C THR B 28 11.57 -20.31 7.64
N VAL B 29 12.40 -19.41 7.13
CA VAL B 29 12.07 -18.53 6.02
C VAL B 29 12.95 -18.89 4.86
N ASN B 30 12.36 -19.24 3.72
CA ASN B 30 13.08 -19.51 2.51
C ASN B 30 12.76 -18.44 1.48
N VAL B 31 13.77 -18.00 0.75
CA VAL B 31 13.60 -17.06 -0.34
C VAL B 31 14.07 -17.77 -1.60
N LEU B 32 13.20 -17.90 -2.56
CA LEU B 32 13.48 -18.48 -3.84
C LEU B 32 13.63 -17.38 -4.89
N VAL B 33 14.62 -17.52 -5.73
CA VAL B 33 14.82 -16.66 -6.87
C VAL B 33 14.76 -17.56 -8.07
N ASN B 34 13.90 -17.29 -9.05
CA ASN B 34 13.79 -18.15 -10.23
C ASN B 34 13.51 -19.60 -9.84
N ASN B 35 12.71 -19.79 -8.81
CA ASN B 35 12.25 -21.12 -8.40
C ASN B 35 13.28 -21.96 -7.75
N GLU B 36 14.40 -21.37 -7.37
CA GLU B 36 15.48 -22.04 -6.70
C GLU B 36 15.80 -21.31 -5.38
N THR B 37 16.19 -22.09 -4.38
CA THR B 37 16.50 -21.54 -3.09
C THR B 37 17.67 -20.61 -3.22
N ALA B 38 17.53 -19.37 -2.68
CA ALA B 38 18.55 -18.34 -2.65
C ALA B 38 18.98 -17.94 -1.28
N ALA B 39 18.11 -18.07 -0.29
CA ALA B 39 18.44 -17.74 1.09
C ALA B 39 17.54 -18.52 2.00
N THR B 40 18.04 -18.86 3.17
CA THR B 40 17.23 -19.52 4.18
C THR B 40 17.66 -18.96 5.53
N PHE B 41 16.66 -18.56 6.33
CA PHE B 41 16.84 -18.04 7.65
C PHE B 41 16.07 -18.88 8.63
N SER B 42 16.57 -18.99 9.85
N SER B 42 16.58 -18.96 9.84
CA SER B 42 15.80 -19.56 10.90
CA SER B 42 15.98 -19.67 10.93
C SER B 42 16.15 -19.04 12.25
C SER B 42 16.15 -18.87 12.22
N GLY B 43 15.15 -18.86 13.07
CA GLY B 43 15.33 -18.33 14.38
C GLY B 43 14.05 -18.25 15.14
N GLN B 44 14.15 -17.86 16.41
CA GLN B 44 13.01 -17.80 17.29
C GLN B 44 13.13 -16.52 18.13
N SER B 45 12.03 -15.79 18.19
CA SER B 45 11.90 -14.61 19.03
C SER B 45 10.43 -14.30 19.25
N THR B 46 10.10 -13.74 20.42
CA THR B 46 8.80 -13.12 20.61
C THR B 46 8.92 -11.59 20.76
N ASN B 47 10.03 -11.02 20.34
N ASN B 47 10.06 -11.05 20.33
CA ASN B 47 10.17 -9.59 20.46
CA ASN B 47 10.37 -9.65 20.51
C ASN B 47 10.84 -9.05 19.19
C ASN B 47 10.88 -9.06 19.19
N ASN B 48 10.44 -9.55 18.05
CA ASN B 48 10.75 -8.95 16.77
C ASN B 48 12.21 -9.03 16.40
N ALA B 49 12.96 -9.97 16.96
CA ALA B 49 14.38 -10.06 16.59
C ALA B 49 14.50 -10.33 15.10
N VAL B 50 15.56 -9.77 14.53
CA VAL B 50 15.93 -10.08 13.17
C VAL B 50 16.56 -11.49 13.13
N ILE B 51 15.92 -12.41 12.41
CA ILE B 51 16.39 -13.77 12.28
C ILE B 51 17.19 -13.97 11.01
N GLY B 52 17.19 -12.99 10.11
CA GLY B 52 18.06 -13.05 8.96
C GLY B 52 18.01 -11.80 8.16
N THR B 53 19.11 -11.49 7.50
CA THR B 53 19.15 -10.40 6.54
C THR B 53 20.14 -10.71 5.47
N GLN B 54 19.85 -10.42 4.21
CA GLN B 54 20.72 -10.73 3.13
C GLN B 54 20.47 -9.82 1.96
N VAL B 55 21.42 -9.66 1.10
CA VAL B 55 21.23 -9.00 -0.18
C VAL B 55 21.31 -10.05 -1.25
N LEU B 56 20.34 -10.09 -2.13
CA LEU B 56 20.23 -11.03 -3.22
C LEU B 56 20.11 -10.30 -4.53
N ASN B 57 20.28 -10.99 -5.62
CA ASN B 57 20.07 -10.49 -6.95
C ASN B 57 18.87 -11.16 -7.56
N SER B 58 17.93 -10.38 -8.10
CA SER B 58 16.72 -10.95 -8.70
C SER B 58 16.97 -11.74 -9.95
N GLY B 59 18.16 -11.62 -10.57
CA GLY B 59 18.56 -12.42 -11.71
C GLY B 59 17.76 -12.19 -12.94
N SER B 60 17.92 -13.07 -13.90
CA SER B 60 17.35 -12.89 -15.22
C SER B 60 15.84 -12.92 -15.23
N SER B 61 15.22 -13.64 -14.30
CA SER B 61 13.79 -13.77 -14.31
C SER B 61 13.03 -12.71 -13.48
N GLY B 62 13.64 -12.17 -12.46
CA GLY B 62 12.97 -11.31 -11.50
C GLY B 62 12.02 -12.01 -10.56
N LYS B 63 11.88 -13.31 -10.61
N LYS B 63 11.92 -13.31 -10.64
CA LYS B 63 10.83 -13.98 -9.83
CA LYS B 63 10.97 -14.07 -9.83
C LYS B 63 11.31 -14.29 -8.43
C LYS B 63 11.48 -14.18 -8.41
N VAL B 64 10.71 -13.69 -7.40
CA VAL B 64 11.09 -13.88 -6.01
C VAL B 64 9.93 -14.44 -5.23
N GLN B 65 10.14 -15.46 -4.44
CA GLN B 65 9.11 -16.03 -3.60
C GLN B 65 9.62 -16.21 -2.19
N VAL B 66 8.79 -15.84 -1.23
CA VAL B 66 9.05 -16.05 0.17
C VAL B 66 8.14 -17.17 0.68
N GLN B 67 8.74 -18.14 1.37
CA GLN B 67 8.02 -19.20 2.02
C GLN B 67 8.34 -19.19 3.49
N VAL B 68 7.40 -19.52 4.34
CA VAL B 68 7.62 -19.58 5.77
C VAL B 68 7.00 -20.89 6.26
N SER B 69 7.75 -21.61 7.09
CA SER B 69 7.22 -22.78 7.75
C SER B 69 7.75 -22.86 9.17
N VAL B 70 7.07 -23.65 9.98
CA VAL B 70 7.41 -23.86 11.36
C VAL B 70 7.38 -25.38 11.54
N ASN B 71 8.57 -25.95 11.72
CA ASN B 71 8.73 -27.42 11.93
C ASN B 71 7.94 -28.19 10.86
N GLY B 72 8.02 -27.82 9.60
CA GLY B 72 7.41 -28.59 8.53
C GLY B 72 5.96 -28.24 8.23
N ARG B 73 5.43 -27.27 8.94
CA ARG B 73 4.09 -26.81 8.72
C ARG B 73 4.16 -25.50 7.97
N PRO B 74 3.70 -25.40 6.73
CA PRO B 74 3.67 -24.08 6.06
C PRO B 74 2.79 -23.10 6.82
N SER B 75 3.31 -21.90 6.97
CA SER B 75 2.49 -20.85 7.55
C SER B 75 1.62 -20.20 6.52
N ASP B 76 0.51 -19.69 6.92
CA ASP B 76 -0.33 -18.93 6.02
C ASP B 76 0.27 -17.58 5.80
N LEU B 77 0.39 -17.15 4.57
CA LEU B 77 1.03 -15.89 4.27
C LEU B 77 -0.01 -14.82 3.86
N VAL B 78 0.41 -13.61 4.13
N VAL B 78 0.34 -13.59 4.22
CA VAL B 78 -0.28 -12.44 3.57
CA VAL B 78 -0.28 -12.37 3.64
C VAL B 78 0.79 -11.49 3.08
C VAL B 78 0.84 -11.56 3.03
N SER B 79 0.56 -10.85 1.94
CA SER B 79 1.60 -10.07 1.31
C SER B 79 1.02 -8.96 0.46
N ALA B 80 1.90 -7.98 0.17
CA ALA B 80 1.55 -6.91 -0.79
C ALA B 80 2.85 -6.25 -1.20
N GLN B 81 2.83 -5.51 -2.31
CA GLN B 81 3.95 -4.67 -2.71
C GLN B 81 3.43 -3.23 -2.70
N VAL B 82 4.26 -2.32 -2.21
CA VAL B 82 3.97 -0.90 -2.16
C VAL B 82 5.11 -0.15 -2.79
N ILE B 83 4.80 0.84 -3.62
CA ILE B 83 5.79 1.66 -4.31
C ILE B 83 5.54 3.11 -3.90
N LEU B 84 6.57 3.76 -3.40
CA LEU B 84 6.53 5.14 -3.02
C LEU B 84 7.32 5.97 -4.04
N THR B 85 6.77 7.14 -4.36
CA THR B 85 7.30 8.10 -5.33
C THR B 85 7.79 7.46 -6.62
N ASN B 86 7.08 6.38 -7.02
CA ASN B 86 7.34 5.69 -8.25
C ASN B 86 8.73 5.12 -8.35
N GLU B 87 9.41 4.93 -7.20
CA GLU B 87 10.83 4.54 -7.17
C GLU B 87 11.16 3.52 -6.10
N LEU B 88 10.61 3.65 -4.94
CA LEU B 88 11.05 2.91 -3.77
C LEU B 88 10.07 1.79 -3.52
N ASN B 89 10.54 0.56 -3.54
CA ASN B 89 9.68 -0.61 -3.53
C ASN B 89 9.85 -1.41 -2.24
N PHE B 90 8.70 -1.82 -1.71
CA PHE B 90 8.64 -2.72 -0.57
C PHE B 90 7.77 -3.90 -0.97
N ALA B 91 8.25 -5.10 -0.74
CA ALA B 91 7.46 -6.33 -0.83
C ALA B 91 7.39 -6.85 0.59
N LEU B 92 6.17 -7.01 1.10
CA LEU B 92 5.94 -7.24 2.51
C LEU B 92 5.19 -8.56 2.69
N VAL B 93 5.66 -9.32 3.68
CA VAL B 93 5.03 -10.61 3.97
C VAL B 93 4.80 -10.70 5.46
N GLY B 94 3.61 -11.13 5.87
CA GLY B 94 3.36 -11.62 7.20
C GLY B 94 2.94 -13.08 7.13
N SER B 95 2.99 -13.74 8.27
CA SER B 95 2.68 -15.16 8.31
C SER B 95 2.13 -15.54 9.65
N GLU B 96 1.28 -16.55 9.63
CA GLU B 96 0.58 -17.03 10.81
C GLU B 96 0.84 -18.53 10.99
N ASP B 97 1.32 -18.88 12.17
CA ASP B 97 1.69 -20.26 12.52
C ASP B 97 0.73 -20.84 13.57
N GLY B 98 -0.29 -20.11 14.03
CA GLY B 98 -1.04 -20.44 15.22
C GLY B 98 -2.51 -20.06 15.12
N THR B 99 -3.10 -19.62 16.22
CA THR B 99 -4.55 -19.47 16.35
C THR B 99 -5.02 -18.06 16.61
N ASP B 100 -4.11 -17.11 16.75
CA ASP B 100 -4.47 -15.78 17.14
C ASP B 100 -4.58 -14.82 15.95
N ASN B 101 -4.14 -15.24 14.76
CA ASN B 101 -4.30 -14.40 13.57
C ASN B 101 -3.63 -13.04 13.72
N ASP B 102 -2.48 -12.99 14.39
CA ASP B 102 -1.68 -11.76 14.42
C ASP B 102 -0.82 -11.62 13.17
N TYR B 103 -0.53 -12.68 12.45
CA TYR B 103 0.20 -12.63 11.18
C TYR B 103 1.59 -11.98 11.29
N ASN B 104 2.18 -12.03 12.50
CA ASN B 104 3.48 -11.46 12.71
C ASN B 104 4.53 -12.50 13.03
N ASP B 105 4.18 -13.79 12.87
CA ASP B 105 4.98 -14.84 13.48
C ASP B 105 6.34 -14.89 12.83
N ALA B 106 6.36 -14.78 11.51
CA ALA B 106 7.53 -14.30 10.77
C ALA B 106 7.04 -13.16 9.91
N VAL B 107 7.80 -12.08 9.90
CA VAL B 107 7.55 -10.91 9.06
C VAL B 107 8.75 -10.76 8.16
N VAL B 108 8.53 -10.61 6.86
CA VAL B 108 9.61 -10.51 5.91
C VAL B 108 9.43 -9.23 5.11
N VAL B 109 10.50 -8.45 5.04
CA VAL B 109 10.52 -7.21 4.27
C VAL B 109 11.56 -7.32 3.20
N ILE B 110 11.15 -7.10 1.97
CA ILE B 110 12.02 -7.02 0.81
C ILE B 110 11.99 -5.58 0.33
N ASN B 111 13.16 -5.01 0.04
CA ASN B 111 13.20 -3.66 -0.44
C ASN B 111 14.21 -3.53 -1.60
N TRP B 112 13.86 -2.66 -2.53
CA TRP B 112 14.73 -2.34 -3.66
C TRP B 112 14.32 -1.00 -4.20
N PRO B 113 15.16 -0.33 -4.99
CA PRO B 113 16.56 -0.68 -5.27
C PRO B 113 17.46 -0.36 -4.08
N LEU B 114 18.67 -0.88 -4.21
CA LEU B 114 19.75 -0.64 -3.28
C LEU B 114 20.75 0.34 -3.85
N GLY B 115 21.75 0.74 -3.07
CA GLY B 115 22.83 1.55 -3.53
C GLY B 115 22.66 3.05 -3.45
N ALA C 2 8.95 14.92 -2.33
CA ALA C 2 9.17 13.99 -3.50
C ALA C 2 8.07 14.29 -4.51
N THR C 3 8.35 13.94 -5.77
CA THR C 3 7.31 13.95 -6.77
C THR C 3 6.19 12.96 -6.37
N GLN C 4 4.95 13.35 -6.67
CA GLN C 4 3.77 12.56 -6.37
C GLN C 4 2.87 12.56 -7.58
N GLY C 5 2.02 11.53 -7.67
CA GLY C 5 1.06 11.46 -8.77
C GLY C 5 1.60 11.00 -10.10
N VAL C 6 2.80 10.47 -10.13
CA VAL C 6 3.42 9.94 -11.32
C VAL C 6 3.64 8.44 -11.16
N PHE C 7 3.22 7.68 -12.17
CA PHE C 7 3.27 6.24 -12.10
C PHE C 7 3.77 5.68 -13.43
N THR C 8 4.61 4.63 -13.37
CA THR C 8 5.01 3.93 -14.56
C THR C 8 4.19 2.65 -14.68
N LEU C 9 3.38 2.60 -15.68
CA LEU C 9 2.57 1.41 -16.01
C LEU C 9 3.30 0.58 -17.01
N PRO C 10 2.94 -0.68 -17.18
CA PRO C 10 3.42 -1.44 -18.34
C PRO C 10 2.97 -0.77 -19.60
N ALA C 11 3.78 -0.82 -20.62
CA ALA C 11 3.49 -0.19 -21.91
C ALA C 11 2.24 -0.74 -22.53
N ASN C 12 1.56 0.12 -23.27
CA ASN C 12 0.48 -0.27 -24.16
C ASN C 12 -0.63 -1.05 -23.43
N THR C 13 -0.95 -0.62 -22.21
CA THR C 13 -1.86 -1.33 -21.32
C THR C 13 -3.06 -0.45 -21.04
N ARG C 14 -4.24 -0.98 -21.16
N ARG C 14 -4.23 -1.02 -21.15
CA ARG C 14 -5.39 -0.21 -20.76
CA ARG C 14 -5.43 -0.31 -20.73
C ARG C 14 -5.54 -0.19 -19.25
C ARG C 14 -5.46 -0.17 -19.20
N PHE C 15 -5.95 0.97 -18.70
CA PHE C 15 -6.13 1.18 -17.30
C PHE C 15 -7.36 2.05 -17.08
N GLY C 16 -7.93 1.91 -15.89
CA GLY C 16 -9.06 2.74 -15.50
C GLY C 16 -8.57 3.89 -14.68
N VAL C 17 -9.23 5.03 -14.82
CA VAL C 17 -9.03 6.17 -13.95
C VAL C 17 -10.40 6.73 -13.52
N THR C 18 -10.57 6.92 -12.21
CA THR C 18 -11.82 7.38 -11.64
C THR C 18 -11.49 8.41 -10.56
N ALA C 19 -12.30 9.49 -10.53
CA ALA C 19 -12.06 10.55 -9.54
C ALA C 19 -13.33 10.81 -8.74
N PHE C 20 -13.14 11.13 -7.50
CA PHE C 20 -14.17 11.46 -6.53
C PHE C 20 -13.86 12.83 -5.93
N ALA C 21 -14.88 13.59 -5.55
CA ALA C 21 -14.66 14.92 -4.98
C ALA C 21 -15.23 15.01 -3.56
N ASN C 22 -14.50 15.76 -2.73
CA ASN C 22 -14.88 16.02 -1.38
C ASN C 22 -14.38 17.43 -0.93
N SER C 23 -15.03 18.47 -1.48
CA SER C 23 -14.54 19.85 -1.30
C SER C 23 -15.64 20.79 -1.75
N SER C 24 -15.67 22.00 -1.20
CA SER C 24 -16.55 23.01 -1.75
C SER C 24 -16.09 23.52 -3.11
N GLY C 25 -14.83 23.35 -3.46
CA GLY C 25 -14.30 23.84 -4.71
C GLY C 25 -14.50 22.84 -5.86
N THR C 26 -14.70 23.35 -7.05
CA THR C 26 -14.73 22.53 -8.23
C THR C 26 -13.34 21.97 -8.49
N GLN C 27 -13.28 20.66 -8.59
CA GLN C 27 -12.01 19.97 -8.86
C GLN C 27 -11.84 19.78 -10.34
N THR C 28 -10.65 20.06 -10.87
CA THR C 28 -10.27 19.71 -12.25
C THR C 28 -9.11 18.73 -12.15
N VAL C 29 -9.37 17.54 -12.66
CA VAL C 29 -8.39 16.45 -12.65
C VAL C 29 -7.93 16.24 -14.05
N ASN C 30 -6.63 16.35 -14.29
N ASN C 30 -6.63 16.38 -14.29
CA ASN C 30 -6.06 16.08 -15.59
CA ASN C 30 -6.01 16.08 -15.55
C ASN C 30 -5.15 14.87 -15.50
C ASN C 30 -5.23 14.76 -15.44
N VAL C 31 -5.33 13.93 -16.45
CA VAL C 31 -4.58 12.72 -16.54
C VAL C 31 -3.73 12.81 -17.79
N LEU C 32 -2.41 12.78 -17.61
N LEU C 32 -2.40 12.85 -17.60
CA LEU C 32 -1.47 12.91 -18.67
CA LEU C 32 -1.43 12.88 -18.63
C LEU C 32 -0.82 11.55 -18.91
C LEU C 32 -0.96 11.44 -18.89
N VAL C 33 -0.84 11.12 -20.19
CA VAL C 33 -0.20 9.89 -20.62
C VAL C 33 0.93 10.28 -21.54
N ASN C 34 2.20 9.81 -21.27
N ASN C 34 2.21 9.85 -21.22
CA ASN C 34 3.36 10.17 -22.01
CA ASN C 34 3.45 10.25 -21.91
C ASN C 34 3.39 11.66 -22.04
C ASN C 34 3.26 11.72 -22.09
N ASN C 35 3.08 12.45 -21.09
CA ASN C 35 3.25 13.88 -21.04
C ASN C 35 2.21 14.69 -21.77
N GLU C 36 1.18 14.05 -22.26
N GLU C 36 1.19 14.05 -22.29
CA GLU C 36 0.11 14.70 -22.97
CA GLU C 36 0.11 14.75 -22.97
C GLU C 36 -1.24 14.42 -22.26
C GLU C 36 -1.22 14.44 -22.26
N THR C 37 -2.10 15.45 -22.24
CA THR C 37 -3.40 15.30 -21.62
C THR C 37 -4.20 14.28 -22.34
N ALA C 38 -4.68 13.25 -21.61
CA ALA C 38 -5.49 12.17 -22.12
C ALA C 38 -6.89 12.20 -21.60
N ALA C 39 -7.13 12.77 -20.43
CA ALA C 39 -8.48 12.87 -19.86
C ALA C 39 -8.53 14.05 -18.96
N THR C 40 -9.70 14.63 -18.86
CA THR C 40 -9.92 15.74 -17.94
C THR C 40 -11.30 15.58 -17.34
N PHE C 41 -11.37 15.60 -16.02
CA PHE C 41 -12.60 15.53 -15.29
C PHE C 41 -12.80 16.80 -14.51
N SER C 42 -14.07 17.20 -14.35
N SER C 42 -14.06 17.21 -14.36
CA SER C 42 -14.39 18.40 -13.61
CA SER C 42 -14.29 18.29 -13.45
C SER C 42 -15.65 18.12 -12.81
C SER C 42 -15.62 18.12 -12.80
N GLY C 43 -15.71 18.55 -11.55
CA GLY C 43 -16.97 18.50 -10.83
C GLY C 43 -16.83 18.93 -9.41
N GLN C 44 -17.91 19.04 -8.68
CA GLN C 44 -17.92 19.52 -7.30
C GLN C 44 -18.83 18.64 -6.50
N SER C 45 -18.33 18.15 -5.38
CA SER C 45 -19.10 17.44 -4.39
C SER C 45 -18.46 17.53 -3.08
N THR C 46 -19.25 17.48 -2.00
CA THR C 46 -18.78 17.24 -0.63
C THR C 46 -19.19 15.87 -0.13
N ASN C 47 -19.63 15.00 -1.02
CA ASN C 47 -20.16 13.70 -0.66
C ASN C 47 -19.58 12.58 -1.52
N ASN C 48 -18.34 12.73 -1.98
CA ASN C 48 -17.61 11.67 -2.65
C ASN C 48 -18.20 11.33 -3.96
N ALA C 49 -18.90 12.25 -4.63
CA ALA C 49 -19.44 11.90 -5.96
C ALA C 49 -18.32 11.55 -6.90
N VAL C 50 -18.62 10.63 -7.81
CA VAL C 50 -17.76 10.37 -8.93
C VAL C 50 -17.87 11.56 -9.91
N ILE C 51 -16.76 12.20 -10.16
CA ILE C 51 -16.70 13.32 -11.09
C ILE C 51 -16.16 12.94 -12.44
N GLY C 52 -15.65 11.72 -12.59
CA GLY C 52 -15.27 11.19 -13.87
C GLY C 52 -14.78 9.80 -13.77
N THR C 53 -14.90 9.05 -14.85
CA THR C 53 -14.28 7.71 -14.96
C THR C 53 -14.05 7.48 -16.45
N GLN C 54 -12.93 6.85 -16.79
CA GLN C 54 -12.57 6.66 -18.16
C GLN C 54 -11.54 5.49 -18.23
N VAL C 55 -11.44 4.91 -19.40
CA VAL C 55 -10.40 3.93 -19.66
C VAL C 55 -9.43 4.52 -20.69
N LEU C 56 -8.15 4.42 -20.40
CA LEU C 56 -7.07 4.98 -21.20
C LEU C 56 -6.06 3.90 -21.48
N ASN C 57 -5.18 4.15 -22.45
CA ASN C 57 -4.06 3.27 -22.78
C ASN C 57 -2.79 3.96 -22.35
N SER C 58 -1.89 3.24 -21.65
CA SER C 58 -0.67 3.79 -21.13
C SER C 58 0.40 4.13 -22.20
N GLY C 59 0.21 3.72 -23.44
CA GLY C 59 1.10 4.05 -24.52
C GLY C 59 2.43 3.51 -24.37
N SER C 60 3.30 4.00 -25.20
N SER C 60 3.28 4.01 -25.20
CA SER C 60 4.67 3.36 -25.45
CA SER C 60 4.66 3.40 -25.46
C SER C 60 5.56 3.39 -24.22
C SER C 60 5.54 3.38 -24.24
N SER C 61 5.57 4.50 -23.51
N SER C 61 5.57 4.48 -23.54
CA SER C 61 6.39 4.63 -22.29
CA SER C 61 6.44 4.55 -22.37
C SER C 61 5.78 4.09 -21.03
C SER C 61 5.78 4.34 -21.02
N GLY C 62 4.45 4.10 -21.00
CA GLY C 62 3.76 3.78 -19.78
C GLY C 62 3.67 4.88 -18.73
N LYS C 63 4.08 6.09 -19.02
CA LYS C 63 4.07 7.15 -18.00
C LYS C 63 2.70 7.71 -17.85
N VAL C 64 2.20 7.74 -16.61
CA VAL C 64 0.87 8.30 -16.30
C VAL C 64 1.06 9.31 -15.17
N GLN C 65 0.53 10.50 -15.33
CA GLN C 65 0.60 11.54 -14.29
C GLN C 65 -0.75 12.09 -14.03
N VAL C 66 -1.09 12.26 -12.78
CA VAL C 66 -2.33 12.91 -12.35
C VAL C 66 -1.99 14.28 -11.81
N GLN C 67 -2.75 15.28 -12.24
CA GLN C 67 -2.65 16.62 -11.71
C GLN C 67 -4.05 17.08 -11.31
N VAL C 68 -4.15 17.85 -10.25
CA VAL C 68 -5.44 18.37 -9.77
C VAL C 68 -5.31 19.85 -9.53
N SER C 69 -6.27 20.61 -9.99
N SER C 69 -6.29 20.60 -10.03
CA SER C 69 -6.30 22.01 -9.62
CA SER C 69 -6.37 22.06 -9.89
C SER C 69 -7.70 22.43 -9.27
C SER C 69 -7.73 22.46 -9.33
N VAL C 70 -7.74 23.51 -8.49
CA VAL C 70 -8.96 24.05 -7.91
C VAL C 70 -8.78 25.57 -7.87
N ASN C 71 -9.77 26.29 -8.36
N ASN C 71 -9.72 26.32 -8.40
CA ASN C 71 -9.71 27.74 -8.52
CA ASN C 71 -9.62 27.78 -8.30
C ASN C 71 -8.34 28.23 -9.01
C ASN C 71 -8.38 28.28 -9.07
N GLY C 72 -7.86 27.57 -10.07
CA GLY C 72 -6.64 27.88 -10.77
C GLY C 72 -5.35 27.50 -10.09
N ARG C 73 -5.44 26.82 -8.96
N ARG C 73 -5.47 26.81 -8.96
CA ARG C 73 -4.26 26.52 -8.16
CA ARG C 73 -4.40 26.53 -8.01
C ARG C 73 -4.07 25.04 -8.11
C ARG C 73 -4.09 25.03 -8.08
N PRO C 74 -2.88 24.58 -8.36
CA PRO C 74 -2.58 23.14 -8.20
C PRO C 74 -2.73 22.70 -6.75
N SER C 75 -3.37 21.58 -6.57
CA SER C 75 -3.48 20.95 -5.28
C SER C 75 -2.21 20.19 -4.92
N ASP C 76 -1.92 20.06 -3.65
CA ASP C 76 -0.85 19.22 -3.18
C ASP C 76 -1.28 17.77 -3.27
N LEU C 77 -0.42 16.89 -3.79
CA LEU C 77 -0.79 15.50 -4.01
C LEU C 77 -0.05 14.59 -3.04
N VAL C 78 -0.73 13.48 -2.75
N VAL C 78 -0.74 13.51 -2.67
CA VAL C 78 -0.13 12.36 -2.05
CA VAL C 78 -0.08 12.35 -2.04
C VAL C 78 -0.46 11.12 -2.85
C VAL C 78 -0.41 11.18 -2.94
N SER C 79 0.47 10.18 -3.00
CA SER C 79 0.20 9.04 -3.87
C SER C 79 1.02 7.84 -3.43
N ALA C 80 0.57 6.68 -3.91
CA ALA C 80 1.34 5.43 -3.79
C ALA C 80 0.76 4.42 -4.76
N GLN C 81 1.51 3.37 -5.04
CA GLN C 81 1.01 2.25 -5.81
C GLN C 81 1.04 1.02 -4.89
N VAL C 82 0.00 0.20 -4.95
N VAL C 82 -0.03 0.21 -4.99
CA VAL C 82 -0.03 -1.03 -4.21
CA VAL C 82 -0.20 -0.99 -4.22
C VAL C 82 -0.48 -2.13 -5.18
C VAL C 82 -0.44 -2.11 -5.25
N ILE C 83 0.18 -3.27 -5.01
CA ILE C 83 -0.01 -4.45 -5.85
C ILE C 83 -0.44 -5.58 -4.97
N LEU C 84 -1.57 -6.20 -5.31
CA LEU C 84 -2.09 -7.34 -4.59
C LEU C 84 -1.92 -8.59 -5.45
N THR C 85 -1.55 -9.69 -4.77
CA THR C 85 -1.27 -11.00 -5.39
C THR C 85 -0.42 -10.93 -6.62
N ASN C 86 0.51 -9.96 -6.65
CA ASN C 86 1.43 -9.81 -7.75
C ASN C 86 0.78 -9.54 -9.08
N GLU C 87 -0.48 -9.11 -9.09
N GLU C 87 -0.44 -9.06 -9.11
CA GLU C 87 -1.32 -9.00 -10.27
CA GLU C 87 -1.16 -8.92 -10.36
C GLU C 87 -2.09 -7.72 -10.38
C GLU C 87 -2.19 -7.81 -10.45
N LEU C 88 -2.71 -7.37 -9.31
CA LEU C 88 -3.78 -6.33 -9.31
C LEU C 88 -3.14 -5.06 -8.79
N ASN C 89 -3.16 -4.02 -9.62
CA ASN C 89 -2.47 -2.79 -9.36
C ASN C 89 -3.42 -1.65 -9.12
N PHE C 90 -3.12 -0.88 -8.06
CA PHE C 90 -3.80 0.35 -7.74
C PHE C 90 -2.77 1.47 -7.67
N ALA C 91 -3.00 2.54 -8.39
CA ALA C 91 -2.22 3.78 -8.26
C ALA C 91 -3.19 4.77 -7.69
N LEU C 92 -2.90 5.27 -6.49
CA LEU C 92 -3.80 6.03 -5.66
C LEU C 92 -3.27 7.44 -5.47
N VAL C 93 -4.19 8.41 -5.60
CA VAL C 93 -3.83 9.81 -5.40
C VAL C 93 -4.87 10.47 -4.51
N GLY C 94 -4.40 11.20 -3.50
CA GLY C 94 -5.19 12.15 -2.79
C GLY C 94 -4.67 13.55 -3.04
N SER C 95 -5.51 14.53 -2.81
CA SER C 95 -5.11 15.93 -3.11
C SER C 95 -5.75 16.84 -2.12
N GLU C 96 -5.05 17.95 -1.87
CA GLU C 96 -5.44 18.94 -0.89
C GLU C 96 -5.46 20.31 -1.53
N ASP C 97 -6.64 20.95 -1.49
CA ASP C 97 -6.87 22.25 -2.09
C ASP C 97 -6.94 23.37 -1.08
N GLY C 98 -6.76 23.08 0.19
CA GLY C 98 -7.03 23.99 1.27
C GLY C 98 -6.08 23.81 2.42
N THR C 99 -6.64 23.97 3.61
CA THR C 99 -5.86 24.15 4.82
C THR C 99 -6.11 23.11 5.89
N ASP C 100 -6.98 22.13 5.64
CA ASP C 100 -7.29 21.12 6.62
C ASP C 100 -6.49 19.83 6.47
N ASN C 101 -5.71 19.67 5.42
CA ASN C 101 -4.96 18.46 5.19
C ASN C 101 -5.78 17.16 5.40
N ASP C 102 -7.02 17.17 4.88
CA ASP C 102 -7.77 15.92 4.77
C ASP C 102 -7.38 15.11 3.53
N TYR C 103 -6.80 15.76 2.50
CA TYR C 103 -6.27 15.11 1.32
C TYR C 103 -7.27 14.28 0.57
N ASN C 104 -8.58 14.63 0.66
CA ASN C 104 -9.62 13.92 -0.02
C ASN C 104 -10.34 14.80 -1.06
N ASP C 105 -9.78 15.97 -1.34
CA ASP C 105 -10.60 16.98 -2.04
C ASP C 105 -10.89 16.52 -3.46
N ALA C 106 -9.88 15.94 -4.11
CA ALA C 106 -10.11 15.04 -5.23
C ALA C 106 -9.31 13.77 -4.88
N VAL C 107 -9.97 12.65 -4.99
CA VAL C 107 -9.34 11.33 -4.81
C VAL C 107 -9.36 10.64 -6.15
N VAL C 108 -8.22 10.16 -6.62
CA VAL C 108 -8.13 9.52 -7.94
C VAL C 108 -7.60 8.13 -7.76
N VAL C 109 -8.33 7.18 -8.36
CA VAL C 109 -7.93 5.79 -8.38
C VAL C 109 -7.66 5.36 -9.78
N ILE C 110 -6.46 4.80 -10.02
CA ILE C 110 -6.07 4.19 -11.28
C ILE C 110 -5.92 2.71 -11.00
N ASN C 111 -6.50 1.87 -11.85
CA ASN C 111 -6.42 0.44 -11.66
C ASN C 111 -6.12 -0.27 -12.96
N TRP C 112 -5.32 -1.33 -12.86
CA TRP C 112 -5.03 -2.17 -14.02
C TRP C 112 -4.60 -3.53 -13.47
N PRO C 113 -4.62 -4.57 -14.28
CA PRO C 113 -5.17 -4.62 -15.64
C PRO C 113 -6.69 -4.59 -15.63
N LEU C 114 -7.24 -4.33 -16.82
CA LEU C 114 -8.65 -4.38 -17.08
C LEU C 114 -8.97 -5.65 -17.84
N GLY C 115 -10.26 -5.90 -18.03
CA GLY C 115 -10.71 -7.01 -18.87
C GLY C 115 -10.94 -8.32 -18.19
N ALA D 2 2.81 17.50 1.66
CA ALA D 2 2.12 16.79 2.77
C ALA D 2 3.15 16.35 3.79
N THR D 3 2.77 16.32 5.06
CA THR D 3 3.63 15.75 6.09
C THR D 3 3.92 14.28 5.77
N GLN D 4 5.14 13.86 5.98
CA GLN D 4 5.58 12.48 5.80
C GLN D 4 6.35 12.03 7.01
N GLY D 5 6.35 10.72 7.24
CA GLY D 5 7.09 10.13 8.33
C GLY D 5 6.46 10.25 9.68
N VAL D 6 5.19 10.61 9.76
CA VAL D 6 4.45 10.75 10.98
C VAL D 6 3.32 9.74 10.97
N PHE D 7 3.22 8.95 12.03
CA PHE D 7 2.23 7.85 12.07
C PHE D 7 1.54 7.85 13.39
N THR D 8 0.24 7.53 13.42
CA THR D 8 -0.48 7.33 14.64
C THR D 8 -0.65 5.89 14.91
N LEU D 9 -0.01 5.41 15.98
CA LEU D 9 -0.13 4.02 16.39
C LEU D 9 -1.16 3.94 17.49
N PRO D 10 -1.67 2.74 17.77
CA PRO D 10 -2.45 2.53 18.99
C PRO D 10 -1.60 2.89 20.20
N ALA D 11 -2.22 3.42 21.25
CA ALA D 11 -1.48 3.82 22.44
C ALA D 11 -0.86 2.64 23.14
N ASN D 12 0.26 2.85 23.83
CA ASN D 12 0.81 1.86 24.71
C ASN D 12 1.03 0.53 24.08
N THR D 13 1.53 0.61 22.87
CA THR D 13 1.76 -0.60 22.02
C THR D 13 3.22 -0.74 21.59
N ARG D 14 3.78 -1.91 21.77
CA ARG D 14 5.14 -2.13 21.29
C ARG D 14 5.17 -2.24 19.78
N PHE D 15 6.23 -1.70 19.18
CA PHE D 15 6.44 -1.75 17.74
C PHE D 15 7.92 -1.92 17.49
N GLY D 16 8.21 -2.49 16.33
CA GLY D 16 9.57 -2.59 15.86
C GLY D 16 9.89 -1.47 14.92
N VAL D 17 11.13 -1.00 14.96
CA VAL D 17 11.62 -0.03 13.98
C VAL D 17 13.00 -0.46 13.53
N THR D 18 13.18 -0.44 12.21
CA THR D 18 14.39 -0.95 11.55
C THR D 18 14.81 0.01 10.44
N ALA D 19 16.09 0.34 10.40
CA ALA D 19 16.60 1.27 9.41
C ALA D 19 17.68 0.63 8.58
N PHE D 20 17.66 0.96 7.27
CA PHE D 20 18.57 0.52 6.28
C PHE D 20 19.24 1.72 5.62
N ALA D 21 20.49 1.57 5.16
CA ALA D 21 21.18 2.68 4.47
C ALA D 21 21.63 2.26 3.08
N ASN D 22 21.52 3.22 2.15
CA ASN D 22 21.95 3.04 0.77
C ASN D 22 22.42 4.37 0.19
N SER D 23 23.60 4.82 0.61
CA SER D 23 24.11 6.14 0.24
C SER D 23 25.58 6.20 0.58
N SER D 24 26.35 7.06 -0.09
CA SER D 24 27.68 7.38 0.36
C SER D 24 27.73 8.21 1.62
N GLY D 25 26.64 8.89 1.96
CA GLY D 25 26.58 9.71 3.12
C GLY D 25 26.16 8.90 4.34
N THR D 26 26.68 9.28 5.49
CA THR D 26 26.29 8.67 6.72
C THR D 26 24.87 9.09 7.08
N GLN D 27 24.00 8.15 7.29
CA GLN D 27 22.63 8.42 7.65
C GLN D 27 22.49 8.49 9.14
N THR D 28 21.69 9.44 9.62
CA THR D 28 21.26 9.53 11.00
C THR D 28 19.74 9.41 11.02
N VAL D 29 19.26 8.38 11.67
CA VAL D 29 17.82 8.13 11.80
C VAL D 29 17.42 8.33 13.22
N ASN D 30 16.47 9.22 13.47
CA ASN D 30 15.88 9.45 14.78
C ASN D 30 14.42 9.05 14.77
N VAL D 31 14.03 8.29 15.76
CA VAL D 31 12.64 7.84 15.93
C VAL D 31 12.12 8.51 17.18
N LEU D 32 11.11 9.33 17.01
CA LEU D 32 10.51 10.11 18.07
C LEU D 32 9.20 9.47 18.50
N VAL D 33 8.98 9.40 19.82
CA VAL D 33 7.72 9.00 20.40
C VAL D 33 7.34 10.13 21.29
N ASN D 34 6.11 10.65 21.09
CA ASN D 34 5.60 11.81 21.84
C ASN D 34 6.64 12.94 21.79
N ASN D 35 7.12 13.15 20.60
CA ASN D 35 7.94 14.24 20.29
C ASN D 35 9.32 14.26 20.88
N GLU D 36 9.79 13.14 21.42
CA GLU D 36 11.17 13.01 21.91
C GLU D 36 11.84 11.80 21.32
N THR D 37 13.13 11.93 21.05
CA THR D 37 13.85 10.85 20.47
C THR D 37 13.89 9.64 21.35
N ALA D 38 13.44 8.53 20.86
CA ALA D 38 13.42 7.28 21.56
C ALA D 38 14.43 6.27 21.03
N ALA D 39 14.86 6.41 19.82
CA ALA D 39 15.90 5.58 19.24
C ALA D 39 16.66 6.40 18.21
N THR D 40 17.95 6.18 18.10
CA THR D 40 18.78 6.79 17.08
C THR D 40 19.75 5.76 16.52
N PHE D 41 19.91 5.75 15.21
CA PHE D 41 20.78 4.87 14.47
C PHE D 41 21.62 5.70 13.53
N SER D 42 22.89 5.35 13.36
CA SER D 42 23.71 6.06 12.38
C SER D 42 24.58 5.07 11.64
N GLY D 43 24.83 5.28 10.40
CA GLY D 43 25.76 4.45 9.69
C GLY D 43 25.80 4.76 8.24
N GLN D 44 26.79 4.22 7.57
CA GLN D 44 26.97 4.38 6.13
C GLN D 44 27.01 3.03 5.49
N SER D 45 26.21 2.85 4.44
CA SER D 45 26.21 1.67 3.65
C SER D 45 25.71 1.99 2.27
N THR D 46 26.20 1.30 1.25
CA THR D 46 25.60 1.29 -0.06
C THR D 46 25.05 -0.07 -0.38
N ASN D 47 24.87 -0.94 0.64
N ASN D 47 24.88 -0.94 0.63
CA ASN D 47 24.47 -2.31 0.46
CA ASN D 47 24.36 -2.24 0.37
C ASN D 47 23.36 -2.66 1.46
C ASN D 47 23.36 -2.64 1.46
N ASN D 48 22.52 -1.71 1.85
CA ASN D 48 21.34 -2.02 2.64
C ASN D 48 21.64 -2.56 4.02
N ALA D 49 22.74 -2.16 4.63
CA ALA D 49 22.98 -2.54 6.01
C ALA D 49 21.82 -2.13 6.88
N VAL D 50 21.55 -2.98 7.87
CA VAL D 50 20.61 -2.64 8.93
C VAL D 50 21.35 -1.82 9.98
N ILE D 51 21.30 -0.53 9.81
CA ILE D 51 22.01 0.39 10.70
C ILE D 51 21.40 0.44 12.06
N GLY D 52 20.22 -0.09 12.28
CA GLY D 52 19.73 -0.33 13.61
C GLY D 52 18.34 -0.94 13.58
N THR D 53 18.00 -1.65 14.63
CA THR D 53 16.67 -2.14 14.88
C THR D 53 16.42 -2.04 16.37
N GLN D 54 15.18 -1.75 16.73
CA GLN D 54 14.82 -1.57 18.14
C GLN D 54 13.33 -1.89 18.30
N VAL D 55 12.94 -2.22 19.49
CA VAL D 55 11.57 -2.32 19.92
C VAL D 55 11.30 -1.15 20.84
N LEU D 56 10.23 -0.40 20.53
CA LEU D 56 9.80 0.77 21.31
C LEU D 56 8.38 0.64 21.68
N ASN D 57 7.95 1.44 22.62
CA ASN D 57 6.53 1.56 23.00
C ASN D 57 5.98 2.88 22.51
N SER D 58 4.81 2.83 21.90
CA SER D 58 4.18 4.04 21.40
C SER D 58 3.73 5.00 22.53
N GLY D 59 3.65 4.49 23.75
CA GLY D 59 3.34 5.27 24.91
C GLY D 59 1.95 5.86 24.88
N SER D 60 1.71 6.83 25.76
CA SER D 60 0.41 7.33 25.96
C SER D 60 -0.21 8.08 24.80
N SER D 61 0.66 8.63 23.93
CA SER D 61 0.15 9.44 22.86
C SER D 61 -0.07 8.66 21.46
N GLY D 62 0.62 7.56 21.22
CA GLY D 62 0.72 6.87 19.97
C GLY D 62 1.42 7.60 18.84
N LYS D 63 1.89 8.83 18.90
N LYS D 63 2.10 8.73 19.16
CA LYS D 63 2.42 9.46 17.74
CA LYS D 63 2.63 9.70 18.23
C LYS D 63 3.87 9.06 17.72
C LYS D 63 4.02 9.17 17.79
N VAL D 64 4.23 8.63 16.55
CA VAL D 64 5.58 8.20 16.18
C VAL D 64 6.02 8.94 14.96
N GLN D 65 7.23 9.49 14.98
CA GLN D 65 7.78 10.22 13.88
C GLN D 65 9.18 9.78 13.56
N VAL D 66 9.46 9.63 12.29
CA VAL D 66 10.81 9.31 11.80
C VAL D 66 11.41 10.55 11.18
N GLN D 67 12.66 10.84 11.55
CA GLN D 67 13.42 11.90 10.95
C GLN D 67 14.73 11.34 10.47
N VAL D 68 15.22 11.80 9.32
CA VAL D 68 16.47 11.34 8.73
C VAL D 68 17.29 12.59 8.36
N SER D 69 18.58 12.55 8.68
CA SER D 69 19.47 13.62 8.27
C SER D 69 20.84 13.03 7.93
N VAL D 70 21.59 13.85 7.19
CA VAL D 70 22.94 13.50 6.79
C VAL D 70 23.81 14.68 7.26
N ASN D 71 24.68 14.47 8.28
CA ASN D 71 25.48 15.53 8.94
C ASN D 71 24.65 16.79 9.26
N GLY D 72 23.47 16.55 9.80
CA GLY D 72 22.57 17.60 10.24
C GLY D 72 21.65 18.15 9.14
N ARG D 73 21.78 17.73 7.89
N ARG D 73 21.81 17.77 7.87
CA ARG D 73 20.90 18.24 6.87
CA ARG D 73 20.89 18.24 6.83
C ARG D 73 19.71 17.32 6.73
C ARG D 73 19.71 17.31 6.74
N PRO D 74 18.49 17.77 7.00
CA PRO D 74 17.33 16.87 6.86
C PRO D 74 17.18 16.33 5.44
N SER D 75 16.87 15.06 5.37
CA SER D 75 16.51 14.44 4.11
C SER D 75 15.06 14.57 3.84
N ASP D 76 14.67 14.60 2.57
CA ASP D 76 13.27 14.61 2.17
C ASP D 76 12.68 13.20 2.35
N LEU D 77 11.51 13.11 2.94
CA LEU D 77 10.89 11.83 3.26
C LEU D 77 9.70 11.53 2.38
N VAL D 78 9.47 10.25 2.16
N VAL D 78 9.48 10.26 2.14
CA VAL D 78 8.24 9.75 1.60
CA VAL D 78 8.25 9.70 1.59
C VAL D 78 7.78 8.61 2.49
C VAL D 78 7.78 8.64 2.57
N SER D 79 6.48 8.41 2.68
CA SER D 79 5.96 7.43 3.61
C SER D 79 4.59 6.98 3.27
N ALA D 80 4.20 5.87 3.87
CA ALA D 80 2.85 5.34 3.82
C ALA D 80 2.68 4.31 4.91
N GLN D 81 1.44 3.92 5.21
CA GLN D 81 1.15 2.79 6.07
C GLN D 81 0.33 1.80 5.29
N VAL D 82 0.58 0.53 5.57
N VAL D 82 0.61 0.52 5.47
CA VAL D 82 -0.13 -0.58 4.91
CA VAL D 82 -0.23 -0.54 4.84
C VAL D 82 -0.61 -1.48 6.04
C VAL D 82 -0.56 -1.56 5.93
N ILE D 83 -1.78 -2.05 5.86
CA ILE D 83 -2.34 -3.01 6.78
C ILE D 83 -2.78 -4.23 6.02
N LEU D 84 -2.27 -5.39 6.44
CA LEU D 84 -2.58 -6.67 5.82
C LEU D 84 -3.49 -7.46 6.76
N THR D 85 -4.47 -8.13 6.16
CA THR D 85 -5.50 -8.91 6.82
C THR D 85 -6.10 -8.22 8.03
N ASN D 86 -6.22 -6.88 7.96
CA ASN D 86 -6.82 -6.10 9.00
C ASN D 86 -6.15 -6.20 10.35
N GLU D 87 -4.85 -6.58 10.36
N GLU D 87 -4.86 -6.64 10.36
CA GLU D 87 -4.18 -6.78 11.63
CA GLU D 87 -4.16 -7.02 11.61
C GLU D 87 -2.71 -6.49 11.63
C GLU D 87 -2.72 -6.47 11.59
N LEU D 88 -2.02 -6.71 10.54
CA LEU D 88 -0.55 -6.56 10.49
C LEU D 88 -0.23 -5.22 9.85
N ASN D 89 0.45 -4.37 10.58
CA ASN D 89 0.72 -2.98 10.22
C ASN D 89 2.19 -2.75 9.88
N PHE D 90 2.39 -2.04 8.77
CA PHE D 90 3.73 -1.54 8.36
C PHE D 90 3.60 -0.06 8.15
N ALA D 91 4.50 0.69 8.74
CA ALA D 91 4.68 2.07 8.45
C ALA D 91 6.04 2.18 7.74
N LEU D 92 6.06 2.77 6.58
CA LEU D 92 7.18 2.73 5.66
C LEU D 92 7.69 4.14 5.41
N VAL D 93 9.01 4.30 5.42
CA VAL D 93 9.62 5.58 5.13
C VAL D 93 10.79 5.38 4.19
N GLY D 94 10.90 6.21 3.16
CA GLY D 94 12.09 6.38 2.37
C GLY D 94 12.60 7.80 2.52
N SER D 95 13.82 8.04 2.12
CA SER D 95 14.41 9.35 2.27
C SER D 95 15.46 9.56 1.18
N GLU D 96 15.62 10.84 0.83
CA GLU D 96 16.53 11.26 -0.23
C GLU D 96 17.45 12.33 0.31
N ASP D 97 18.75 12.09 0.19
CA ASP D 97 19.81 12.99 0.62
C ASP D 97 20.54 13.68 -0.51
N GLY D 98 20.21 13.39 -1.76
CA GLY D 98 20.95 13.76 -2.93
C GLY D 98 20.10 14.17 -4.08
N THR D 99 20.57 13.83 -5.26
CA THR D 99 20.00 14.34 -6.52
C THR D 99 19.40 13.30 -7.43
N ASP D 100 19.49 12.02 -7.09
CA ASP D 100 19.07 10.93 -7.94
C ASP D 100 17.62 10.44 -7.73
N ASN D 101 16.97 10.91 -6.67
CA ASN D 101 15.60 10.54 -6.40
C ASN D 101 15.39 9.05 -6.31
N ASP D 102 16.35 8.29 -5.78
CA ASP D 102 16.09 6.90 -5.48
C ASP D 102 15.32 6.68 -4.15
N TYR D 103 15.35 7.65 -3.24
CA TYR D 103 14.60 7.61 -2.01
C TYR D 103 14.89 6.40 -1.14
N ASN D 104 16.08 5.83 -1.28
CA ASN D 104 16.48 4.66 -0.53
C ASN D 104 17.62 4.97 0.45
N ASP D 105 17.97 6.26 0.59
CA ASP D 105 19.25 6.59 1.21
C ASP D 105 19.27 6.18 2.66
N ALA D 106 18.15 6.41 3.34
CA ALA D 106 17.78 5.66 4.53
C ALA D 106 16.34 5.20 4.31
N VAL D 107 16.08 3.96 4.62
CA VAL D 107 14.79 3.31 4.52
C VAL D 107 14.44 2.87 5.92
N VAL D 108 13.21 3.18 6.40
CA VAL D 108 12.82 2.81 7.74
C VAL D 108 11.50 2.06 7.66
N VAL D 109 11.43 0.95 8.38
CA VAL D 109 10.22 0.15 8.44
C VAL D 109 9.84 0.01 9.91
N ILE D 110 8.59 0.32 10.21
CA ILE D 110 7.98 0.15 11.50
C ILE D 110 6.92 -0.93 11.38
N ASN D 111 6.91 -1.88 12.30
CA ASN D 111 5.91 -2.95 12.26
C ASN D 111 5.29 -3.17 13.58
N TRP D 112 4.01 -3.48 13.59
CA TRP D 112 3.30 -3.86 14.79
C TRP D 112 2.07 -4.66 14.40
N PRO D 113 1.48 -5.43 15.32
CA PRO D 113 1.92 -5.68 16.66
C PRO D 113 3.09 -6.70 16.70
N LEU D 114 3.66 -6.77 17.88
CA LEU D 114 4.74 -7.71 18.18
C LEU D 114 4.21 -8.85 19.05
N GLY D 115 5.08 -9.83 19.32
CA GLY D 115 4.80 -10.92 20.22
C GLY D 115 4.10 -12.14 19.65
C2 BGC E . -15.13 -17.02 -16.28
C3 BGC E . -14.59 -16.20 -17.41
C4 BGC E . -14.20 -17.00 -18.64
C5 BGC E . -15.26 -18.00 -19.01
C6 BGC E . -14.94 -18.90 -20.13
C1 BGC E . -16.12 -18.08 -16.77
O1 BGC E . -16.49 -18.95 -15.76
O2 BGC E . -15.70 -16.28 -15.25
O3 BGC E . -13.52 -15.39 -17.00
O4 BGC E . -13.96 -16.14 -19.74
O5 BGC E . -15.63 -18.79 -17.89
O6 BGC E . -13.76 -19.65 -19.85
C1 GAL E . -12.80 -16.39 -20.44
C2 GAL E . -12.87 -15.54 -21.68
C3 GAL E . -11.56 -15.50 -22.42
C4 GAL E . -10.37 -15.20 -21.50
C5 GAL E . -10.47 -16.16 -20.30
C6 GAL E . -9.39 -15.89 -19.28
O2 GAL E . -13.90 -15.99 -22.54
O3 GAL E . -11.73 -14.57 -23.48
O4 GAL E . -10.53 -13.87 -21.07
O5 GAL E . -11.70 -16.03 -19.61
O6 GAL E . -9.38 -16.93 -18.31
C1 NAG E . -10.99 -14.80 -24.58
C2 NAG E . -11.73 -14.26 -25.86
C3 NAG E . -10.82 -14.38 -27.11
C4 NAG E . -9.44 -13.81 -26.84
C5 NAG E . -8.82 -14.26 -25.52
C6 NAG E . -7.52 -13.62 -25.04
C7 NAG E . -14.21 -14.71 -25.84
C8 NAG E . -15.28 -15.75 -25.93
N2 NAG E . -12.92 -15.08 -26.05
O3 NAG E . -11.36 -13.72 -28.22
O4 NAG E . -8.64 -14.15 -27.98
O5 NAG E . -9.75 -14.09 -24.45
O6 NAG E . -7.68 -12.23 -25.16
O7 NAG E . -14.51 -13.56 -25.53
C1 FUC E . -13.88 -14.10 -16.59
C2 FUC E . -12.70 -13.52 -15.80
C3 FUC E . -11.52 -13.28 -16.69
C4 FUC E . -11.87 -12.42 -17.85
C5 FUC E . -13.03 -13.06 -18.63
C6 FUC E . -13.54 -12.19 -19.76
O2 FUC E . -12.30 -14.34 -14.71
O3 FUC E . -10.52 -12.61 -15.88
O4 FUC E . -12.18 -11.11 -17.34
O5 FUC E . -14.15 -13.24 -17.70
C2 BGC F . 1.85 -21.66 18.24
C3 BGC F . 1.96 -20.63 19.35
C4 BGC F . 1.17 -21.02 20.56
C5 BGC F . 1.37 -22.45 20.97
C6 BGC F . 0.52 -22.94 22.12
C1 BGC F . 2.00 -23.07 18.73
O1 BGC F . 1.84 -24.09 17.73
O2 BGC F . 2.74 -21.47 17.15
O3 BGC F . 1.62 -19.33 18.89
O4 BGC F . 1.53 -20.13 21.62
O5 BGC F . 1.18 -23.31 19.86
O6 BGC F . 0.88 -24.24 22.49
O6 BGC F . -0.81 -22.64 21.96
C1 GAL F . 0.53 -19.52 22.34
C2 GAL F . 1.18 -18.89 23.52
C3 GAL F . 0.19 -18.04 24.29
C4 GAL F . -0.51 -17.06 23.34
C5 GAL F . -1.14 -17.87 22.24
C6 GAL F . -1.82 -16.95 21.23
O2 GAL F . 1.73 -19.88 24.40
O3 GAL F . 0.88 -17.30 25.31
O4 GAL F . 0.41 -16.11 22.84
O5 GAL F . -0.13 -18.57 21.52
O6 GAL F . -2.52 -17.69 20.26
C1 NAG F . 0.51 -17.52 26.62
C2 NAG F . 1.65 -17.09 27.50
C3 NAG F . 1.21 -17.18 28.96
C4 NAG F . -0.03 -16.33 29.15
C5 NAG F . -1.14 -16.74 28.22
C6 NAG F . -2.42 -15.88 28.27
C7 NAG F . 3.78 -17.61 26.46
C8 NAG F . 4.84 -18.64 26.22
N2 NAG F . 2.77 -17.96 27.24
O3 NAG F . 2.27 -16.75 29.81
O4 NAG F . -0.51 -16.46 30.51
O5 NAG F . -0.62 -16.66 26.85
O6 NAG F . -2.09 -14.58 27.90
O7 NAG F . 3.85 -16.51 25.91
C1 GAL F . -0.69 -15.31 31.21
C2 GAL F . -1.53 -15.60 32.45
C3 GAL F . -1.58 -14.40 33.44
C4 GAL F . -0.17 -13.91 33.63
C5 GAL F . 0.47 -13.58 32.29
C6 GAL F . 1.87 -13.04 32.43
O2 GAL F . -2.85 -15.98 32.08
O3 GAL F . -2.23 -14.78 34.66
O4 GAL F . 0.61 -14.88 34.32
O5 GAL F . 0.59 -14.77 31.52
O6 GAL F . 2.33 -12.53 31.19
C1 FUC F . 2.72 -18.56 18.43
C2 FUC F . 2.13 -17.38 17.62
C3 FUC F . 1.39 -16.41 18.50
C4 FUC F . 2.26 -15.95 19.62
C5 FUC F . 2.81 -17.17 20.37
C6 FUC F . 3.74 -16.79 21.48
O2 FUC F . 1.23 -17.82 16.58
O3 FUC F . 1.01 -15.30 17.65
O4 FUC F . 3.32 -15.16 19.02
O5 FUC F . 3.49 -18.06 19.47
C2 BGC G . -11.16 25.51 0.19
C3 BGC G . -12.24 24.99 1.11
C4 BGC G . -12.58 25.89 2.21
C5 BGC G . -12.74 27.37 1.81
C6 BGC G . -13.10 28.36 2.85
C1 BGC G . -11.34 26.96 -0.17
O1 BGC G . -10.31 27.52 -0.84
O2 BGC G . -10.96 24.82 -0.98
O3 BGC G . -11.92 23.70 1.62
O4 BGC G . -13.77 25.45 2.87
O5 BGC G . -11.69 27.77 0.99
O6 BGC G . -12.00 28.31 3.73
C1 FUC G . -12.37 22.62 0.85
C2 FUC G . -11.58 21.38 1.31
C3 FUC G . -11.99 20.94 2.70
C4 FUC G . -13.47 20.72 2.82
C5 FUC G . -14.18 22.02 2.35
C6 FUC G . -15.68 21.84 2.34
O2 FUC G . -10.18 21.59 1.30
O3 FUC G . -11.27 19.73 2.98
O4 FUC G . -13.79 19.58 2.01
O5 FUC G . -13.76 22.36 1.03
C1 GAL G . -13.75 25.38 4.22
C2 GAL G . -15.16 25.09 4.64
C3 GAL G . -15.17 24.72 6.12
C4 GAL G . -14.23 23.64 6.49
C5 GAL G . -12.86 24.13 6.01
C6 GAL G . -11.76 23.15 6.32
O2 GAL G . -15.99 26.24 4.41
O3 GAL G . -16.40 23.96 6.46
O4 GAL G . -14.45 22.35 5.90
O5 GAL G . -12.89 24.33 4.61
O6 GAL G . -10.46 23.67 6.04
C2 BGC H . 25.03 12.55 -2.11
C3 BGC H . 25.51 11.34 -2.83
C4 BGC H . 26.34 11.66 -4.06
C5 BGC H . 27.32 12.71 -3.74
C6 BGC H . 28.16 13.13 -4.90
C1 BGC H . 26.11 13.60 -1.95
O1 BGC H . 25.66 14.77 -1.37
O2 BGC H . 24.46 12.29 -0.84
O3 BGC H . 24.43 10.49 -3.21
O4 BGC H . 26.94 10.48 -4.54
O5 BGC H . 26.79 13.84 -3.13
O6 BGC H . 27.30 13.68 -5.96
C1 GAL H . 26.85 10.23 -5.91
C2 GAL H . 27.76 9.06 -6.20
C3 GAL H . 27.58 8.58 -7.62
C4 GAL H . 26.12 8.36 -7.93
C5 GAL H . 25.35 9.61 -7.59
C6 GAL H . 23.87 9.50 -7.85
O2 GAL H . 29.11 9.41 -5.97
O3 GAL H . 28.30 7.35 -7.77
O4 GAL H . 25.59 7.29 -7.15
O5 GAL H . 25.52 9.95 -6.22
O6 GAL H . 23.22 10.75 -7.69
C1 NAG H . 29.30 7.37 -8.71
C2 NAG H . 30.32 6.27 -8.31
C3 NAG H . 31.39 6.13 -9.39
C4 NAG H . 30.71 5.90 -10.74
C5 NAG H . 29.72 7.02 -11.01
C6 NAG H . 28.96 6.86 -12.33
C7 NAG H . 30.45 6.07 -5.88
C8 NAG H . 31.09 6.55 -4.62
N2 NAG H . 30.90 6.59 -7.01
O3 NAG H . 32.27 5.10 -9.03
O4 NAG H . 31.75 5.89 -11.75
O5 NAG H . 28.78 7.05 -9.98
O6 NAG H . 28.19 5.69 -12.30
O7 NAG H . 29.54 5.20 -5.87
C1 GAL H . 31.69 4.79 -12.57
C2 GAL H . 32.61 5.07 -13.81
C3 GAL H . 32.79 3.84 -14.65
C4 GAL H . 33.29 2.71 -13.77
C5 GAL H . 32.29 2.50 -12.63
C6 GAL H . 32.67 1.36 -11.68
O2 GAL H . 31.94 6.10 -14.58
O3 GAL H . 33.67 4.11 -15.70
O4 GAL H . 34.56 2.98 -13.22
O5 GAL H . 32.21 3.70 -11.84
O6 GAL H . 31.55 1.04 -10.85
C1 FUC H . 24.12 9.47 -2.31
C2 FUC H . 22.72 8.97 -2.61
C3 FUC H . 22.64 8.25 -3.94
C4 FUC H . 23.67 7.15 -3.98
C5 FUC H . 25.05 7.70 -3.67
C6 FUC H . 26.11 6.63 -3.60
O2 FUC H . 21.75 10.03 -2.63
O3 FUC H . 21.31 7.73 -4.06
O4 FUC H . 23.21 6.16 -3.02
O5 FUC H . 25.02 8.38 -2.38
S SO4 I . -17.08 -4.19 -22.51
O1 SO4 I . -17.55 -4.76 -23.73
O2 SO4 I . -17.79 -4.78 -21.42
O3 SO4 I . -15.66 -4.46 -22.37
O4 SO4 I . -17.29 -2.75 -22.57
CA CA J . -10.34 -13.42 -13.54
CA CA K . -10.95 -10.23 -15.37
S SO4 L . 13.90 -12.85 22.17
O1 SO4 L . 12.51 -13.22 22.15
O2 SO4 L . 13.95 -11.76 23.15
O3 SO4 L . 14.77 -13.91 22.62
O4 SO4 L . 14.29 -12.51 20.81
CA CA M . 0.25 -15.93 15.38
CA CA N . 2.84 -13.78 17.00
C1 GOL O . -1.06 -13.33 21.59
O1 GOL O . -2.16 -13.14 20.67
C2 GOL O . 0.03 -12.34 21.21
O2 GOL O . -0.48 -11.03 21.05
C3 GOL O . 1.23 -12.28 22.13
O3 GOL O . 0.78 -11.91 23.43
S SO4 P . -23.03 16.61 -3.59
O1 SO4 P . -22.43 15.46 -4.42
O2 SO4 P . -24.12 16.05 -2.89
O3 SO4 P . -22.13 17.33 -2.64
O4 SO4 P . -23.48 17.62 -4.48
CA CA Q . -8.96 19.62 2.14
CA CA R . -12.15 17.71 1.83
S SO4 S . 30.98 1.70 0.23
O1 SO4 S . 29.70 2.44 0.34
O2 SO4 S . 31.00 0.95 -1.02
O3 SO4 S . 32.24 2.43 0.23
O4 SO4 S . 30.93 0.87 1.42
CA CA T . 19.50 9.22 -3.26
CA CA U . 20.78 5.76 -2.65
C1 GOL V . 22.70 5.94 -8.45
O1 GOL V . 21.48 6.63 -8.77
C2 GOL V . 22.37 4.81 -7.51
O2 GOL V . 21.54 3.83 -8.18
C3 GOL V . 23.66 4.22 -7.00
O3 GOL V . 23.53 2.86 -7.00
#